data_7KKF
#
_entry.id   7KKF
#
_cell.length_a   110.098
_cell.length_b   57.366
_cell.length_c   69.334
_cell.angle_alpha   90.000
_cell.angle_beta   96.920
_cell.angle_gamma   90.000
#
_symmetry.space_group_name_H-M   'C 1 2 1'
#
loop_
_entity.id
_entity.type
_entity.pdbx_description
1 polymer 'Peptidyl-prolyl cis-trans isomerase ESS1'
2 water water
#
_entity_poly.entity_id   1
_entity_poly.type   'polypeptide(L)'
_entity_poly.pdbx_seq_one_letter_code
;MPSDVASSTGLPTPWTVRYSKSKKREYFFNPETKHSQWEEPEGTNKDQLHKHLRDHPVRVRCLHILIKHKDSRRPASHRS
ENITISKQDATDELKTLITRLDDDSKTNSFEALAKERSDCSSYKRGGDLGWFGRGEMQPSFEDAAFQLKVGEVSDIVESG
SGVHVIKRVG
;
_entity_poly.pdbx_strand_id   A,B
#
# COMPACT_ATOMS: atom_id res chain seq x y z
N THR A 9 6.83 7.02 0.28
CA THR A 9 6.42 7.14 -1.11
C THR A 9 6.42 5.78 -1.81
N GLY A 10 5.86 5.73 -3.02
CA GLY A 10 5.59 4.48 -3.68
C GLY A 10 4.17 4.01 -3.40
N LEU A 11 3.58 4.58 -2.37
CA LEU A 11 2.27 4.17 -1.88
C LEU A 11 1.19 5.07 -2.45
N PRO A 12 0.02 4.50 -2.78
CA PRO A 12 -1.11 5.24 -3.37
C PRO A 12 -1.68 6.27 -2.39
N THR A 13 -2.95 6.11 -2.01
CA THR A 13 -3.60 7.03 -1.08
C THR A 13 -4.82 6.37 -0.42
N PRO A 14 -5.03 6.65 0.87
CA PRO A 14 -4.11 7.44 1.69
C PRO A 14 -3.16 6.57 2.51
N TRP A 15 -2.62 5.53 1.91
CA TRP A 15 -1.82 4.56 2.65
C TRP A 15 -0.54 5.14 3.25
N THR A 16 -0.12 4.55 4.38
CA THR A 16 1.18 4.85 4.96
C THR A 16 1.88 3.55 5.34
N VAL A 17 3.20 3.54 5.22
CA VAL A 17 4.00 2.45 5.75
C VAL A 17 4.38 2.80 7.18
N ARG A 18 4.24 1.82 8.08
CA ARG A 18 4.54 2.06 9.49
C ARG A 18 5.29 0.89 10.10
N TYR A 19 5.66 1.04 11.37
CA TYR A 19 6.38 -0.01 12.09
C TYR A 19 5.60 -0.47 13.31
N SER A 20 5.45 -1.80 13.44
CA SER A 20 4.78 -2.37 14.58
C SER A 20 5.79 -2.68 15.68
N LYS A 21 5.69 -1.96 16.79
CA LYS A 21 6.62 -2.14 17.90
C LYS A 21 6.40 -3.53 18.50
N SER A 22 5.13 -3.91 18.57
CA SER A 22 4.71 -5.20 19.11
C SER A 22 5.22 -6.39 18.29
N LYS A 23 5.39 -6.20 16.98
CA LYS A 23 5.72 -7.31 16.10
C LYS A 23 7.11 -7.24 15.48
N LYS A 24 7.81 -6.12 15.67
CA LYS A 24 9.10 -5.87 15.03
C LYS A 24 9.00 -6.00 13.51
N ARG A 25 7.88 -5.54 12.95
CA ARG A 25 7.55 -5.80 11.56
C ARG A 25 6.94 -4.58 10.88
N GLU A 26 7.35 -4.34 9.64
CA GLU A 26 6.79 -3.26 8.84
C GLU A 26 5.39 -3.63 8.37
N TYR A 27 4.48 -2.66 8.40
CA TYR A 27 3.11 -2.89 7.93
C TYR A 27 2.53 -1.66 7.24
N PHE A 28 1.32 -1.80 6.69
CA PHE A 28 0.73 -0.73 5.91
C PHE A 28 -0.66 -0.33 6.41
N PHE A 29 -0.87 0.97 6.56
CA PHE A 29 -2.07 1.49 7.22
C PHE A 29 -2.93 2.35 6.30
N ASN A 30 -4.23 2.11 6.31
CA ASN A 30 -5.19 3.01 5.66
C ASN A 30 -5.97 3.80 6.70
N PRO A 31 -5.60 5.07 6.91
CA PRO A 31 -6.21 5.93 7.93
C PRO A 31 -7.68 6.26 7.66
N GLU A 32 -8.14 6.11 6.43
CA GLU A 32 -9.55 6.38 6.12
C GLU A 32 -10.44 5.20 6.52
N THR A 33 -9.92 3.99 6.40
CA THR A 33 -10.69 2.80 6.76
C THR A 33 -10.22 2.17 8.06
N LYS A 34 -9.20 2.78 8.67
CA LYS A 34 -8.54 2.22 9.85
C LYS A 34 -8.19 0.75 9.66
N HIS A 35 -7.60 0.44 8.50
CA HIS A 35 -7.21 -0.92 8.17
C HIS A 35 -5.69 -1.06 8.16
N SER A 36 -5.19 -2.14 8.75
CA SER A 36 -3.76 -2.40 8.77
C SER A 36 -3.48 -3.78 8.18
N GLN A 37 -2.41 -3.87 7.39
CA GLN A 37 -2.04 -5.14 6.76
C GLN A 37 -0.53 -5.25 6.56
N TRP A 38 -0.02 -6.47 6.65
CA TRP A 38 1.40 -6.73 6.44
C TRP A 38 1.78 -6.63 4.97
N GLU A 39 0.85 -7.02 4.10
CA GLU A 39 1.11 -7.09 2.68
C GLU A 39 1.03 -5.71 2.03
N GLU A 40 1.83 -5.52 0.99
CA GLU A 40 1.83 -4.26 0.25
C GLU A 40 0.50 -4.03 -0.44
N PRO A 41 0.03 -2.78 -0.41
CA PRO A 41 -1.27 -2.37 -0.96
C PRO A 41 -1.27 -2.38 -2.48
N GLU A 42 -2.39 -2.78 -3.07
CA GLU A 42 -2.54 -2.76 -4.52
C GLU A 42 -2.45 -1.33 -5.04
N GLY A 43 -1.60 -1.11 -6.04
CA GLY A 43 -1.47 0.18 -6.66
C GLY A 43 -0.06 0.72 -6.52
N THR A 44 0.73 0.10 -5.64
CA THR A 44 2.04 0.65 -5.27
C THR A 44 3.11 0.54 -6.36
N ASN A 45 3.91 1.60 -6.47
CA ASN A 45 5.19 1.58 -7.16
C ASN A 45 6.10 0.73 -6.30
N LYS A 46 6.27 -0.53 -6.66
CA LYS A 46 6.98 -1.46 -5.80
C LYS A 46 8.38 -1.01 -5.39
N ASP A 47 9.26 -0.80 -6.37
CA ASP A 47 10.65 -0.45 -6.09
C ASP A 47 10.89 1.02 -5.79
N GLN A 48 9.81 1.81 -5.73
CA GLN A 48 9.94 3.18 -5.23
C GLN A 48 9.76 3.19 -3.73
N LEU A 49 9.05 2.20 -3.23
CA LEU A 49 8.91 2.00 -1.80
C LEU A 49 10.16 1.36 -1.24
N HIS A 50 10.68 0.35 -1.94
CA HIS A 50 11.85 -0.38 -1.49
C HIS A 50 13.06 0.52 -1.27
N LYS A 51 13.39 1.35 -2.26
CA LYS A 51 14.48 2.31 -2.10
C LYS A 51 14.00 3.63 -1.52
N HIS A 52 12.80 3.59 -0.91
CA HIS A 52 12.38 4.64 0.01
C HIS A 52 12.66 4.14 1.41
N LEU A 53 12.41 2.85 1.62
CA LEU A 53 12.67 2.20 2.90
C LEU A 53 14.16 1.91 3.05
N ARG A 54 14.86 1.76 1.92
CA ARG A 54 16.31 1.54 1.96
C ARG A 54 17.07 2.79 2.38
N ASP A 55 16.53 3.93 1.98
CA ASP A 55 17.17 5.21 2.19
C ASP A 55 16.52 6.01 3.32
N HIS A 56 15.26 5.71 3.59
CA HIS A 56 14.53 6.33 4.68
C HIS A 56 13.74 5.27 5.45
N PRO A 57 14.45 4.40 6.19
CA PRO A 57 13.81 3.25 6.82
C PRO A 57 12.84 3.65 7.91
N VAL A 58 11.89 2.77 8.20
CA VAL A 58 10.94 3.01 9.27
C VAL A 58 11.31 2.14 10.46
N ARG A 59 12.18 1.17 10.23
CA ARG A 59 12.72 0.36 11.33
C ARG A 59 14.22 0.14 11.11
N VAL A 60 14.98 0.16 12.20
CA VAL A 60 16.39 -0.21 12.17
C VAL A 60 16.74 -1.16 13.32
N ARG A 61 17.85 -1.87 13.17
CA ARG A 61 18.35 -2.73 14.23
C ARG A 61 19.77 -2.34 14.59
N CYS A 62 20.04 -2.14 15.88
CA CYS A 62 21.33 -1.61 16.29
C CYS A 62 21.96 -2.33 17.48
N LEU A 63 23.29 -2.26 17.55
CA LEU A 63 24.02 -2.61 18.74
C LEU A 63 24.51 -1.30 19.33
N HIS A 64 24.62 -1.21 20.66
CA HIS A 64 25.25 -0.05 21.27
C HIS A 64 26.06 -0.39 22.51
N ILE A 65 27.01 0.48 22.83
CA ILE A 65 27.76 0.38 24.07
C ILE A 65 27.47 1.61 24.92
N LEU A 66 26.89 1.39 26.10
CA LEU A 66 26.57 2.49 27.00
C LEU A 66 27.57 2.59 28.15
N ILE A 67 28.19 3.76 28.26
CA ILE A 67 28.95 4.12 29.45
C ILE A 67 28.24 5.26 30.18
N LYS A 68 27.73 4.97 31.37
CA LYS A 68 27.03 5.98 32.17
C LYS A 68 28.01 6.90 32.90
N HIS A 69 27.52 8.07 33.32
CA HIS A 69 28.36 8.99 34.09
C HIS A 69 27.59 9.54 35.30
N LYS A 70 28.16 10.55 35.96
CA LYS A 70 27.57 11.09 37.18
C LYS A 70 26.26 11.82 36.93
N ASP A 71 26.18 12.56 35.83
CA ASP A 71 24.98 13.32 35.53
C ASP A 71 24.00 12.51 34.69
N SER A 72 24.11 11.19 34.77
CA SER A 72 23.16 10.33 34.10
C SER A 72 21.91 10.14 34.96
N ARG A 73 20.79 9.90 34.30
CA ARG A 73 19.49 9.77 34.95
C ARG A 73 19.46 8.53 35.84
N ARG A 74 20.35 7.59 35.55
CA ARG A 74 20.25 6.25 36.12
C ARG A 74 21.63 5.72 36.46
N PRO A 75 22.40 6.50 37.26
CA PRO A 75 23.83 6.25 37.43
C PRO A 75 24.09 5.01 38.29
N ALA A 76 23.63 3.84 37.84
CA ALA A 76 23.77 2.63 38.65
C ALA A 76 23.50 1.40 37.80
N SER A 77 24.54 0.82 37.23
CA SER A 77 24.37 -0.36 36.41
C SER A 77 24.70 -1.64 37.18
N HIS A 78 24.92 -2.72 36.43
CA HIS A 78 25.30 -4.01 37.01
C HIS A 78 26.77 -3.98 37.39
N ARG A 79 27.46 -2.90 37.07
CA ARG A 79 28.89 -2.82 37.34
C ARG A 79 29.12 -2.08 38.65
N SER A 80 28.41 -0.97 38.84
CA SER A 80 28.43 -0.24 40.09
C SER A 80 27.01 0.22 40.36
N GLU A 81 26.59 0.19 41.62
CA GLU A 81 25.28 0.71 41.99
C GLU A 81 25.36 2.17 42.43
N ASN A 82 26.49 2.79 42.10
CA ASN A 82 26.68 4.24 42.23
C ASN A 82 27.87 4.68 41.39
N ILE A 83 27.60 5.46 40.35
CA ILE A 83 28.59 5.81 39.35
C ILE A 83 29.08 7.26 39.47
N THR A 84 30.40 7.43 39.55
CA THR A 84 30.97 8.67 40.07
C THR A 84 31.80 9.47 39.05
N ILE A 85 32.06 8.88 37.88
CA ILE A 85 32.92 9.53 36.89
C ILE A 85 32.24 10.65 36.12
N SER A 86 33.03 11.52 35.50
CA SER A 86 32.52 12.68 34.77
C SER A 86 32.02 12.29 33.38
N LYS A 87 31.61 13.29 32.60
CA LYS A 87 31.15 13.03 31.24
C LYS A 87 32.31 12.87 30.28
N GLN A 88 33.39 13.62 30.52
CA GLN A 88 34.59 13.52 29.70
C GLN A 88 35.41 12.29 30.06
N ASP A 89 35.25 11.81 31.30
CA ASP A 89 35.93 10.59 31.72
C ASP A 89 35.29 9.42 30.98
N ALA A 90 33.96 9.39 30.98
CA ALA A 90 33.19 8.39 30.27
C ALA A 90 33.48 8.44 28.77
N THR A 91 33.61 9.64 28.24
CA THR A 91 33.83 9.82 26.82
C THR A 91 35.18 9.30 26.33
N ASP A 92 36.26 9.75 26.96
CA ASP A 92 37.61 9.34 26.58
C ASP A 92 37.81 7.84 26.82
N GLU A 93 37.06 7.30 27.76
CA GLU A 93 37.06 5.86 28.00
C GLU A 93 36.38 5.14 26.84
N LEU A 94 35.25 5.69 26.41
CA LEU A 94 34.50 5.14 25.28
C LEU A 94 35.30 5.28 23.99
N LYS A 95 36.02 6.39 23.87
CA LYS A 95 36.93 6.58 22.75
C LYS A 95 38.05 5.55 22.71
N THR A 96 38.69 5.32 23.85
CA THR A 96 39.74 4.31 23.96
C THR A 96 39.17 2.93 23.69
N LEU A 97 37.96 2.71 24.18
CA LEU A 97 37.26 1.43 24.00
C LEU A 97 37.06 1.17 22.52
N ILE A 98 36.57 2.18 21.80
CA ILE A 98 36.25 2.03 20.38
C ILE A 98 37.52 1.83 19.55
N THR A 99 38.66 2.26 20.08
CA THR A 99 39.91 2.14 19.33
C THR A 99 40.36 0.68 19.21
N ARG A 100 39.79 -0.19 20.04
CA ARG A 100 40.13 -1.60 20.01
C ARG A 100 39.32 -2.37 18.98
N LEU A 101 38.21 -1.77 18.55
CA LEU A 101 37.21 -2.43 17.69
C LEU A 101 37.80 -3.25 16.56
N ASP A 102 37.36 -4.51 16.46
CA ASP A 102 37.92 -5.47 15.53
C ASP A 102 36.93 -6.61 15.35
N ASP A 103 36.30 -6.66 14.18
CA ASP A 103 35.26 -7.65 13.91
C ASP A 103 35.80 -9.08 13.94
N ASP A 104 37.09 -9.23 13.69
CA ASP A 104 37.71 -10.55 13.68
C ASP A 104 38.23 -10.99 15.05
N SER A 105 38.31 -10.06 15.99
CA SER A 105 38.75 -10.39 17.35
C SER A 105 37.64 -11.01 18.21
N LYS A 106 38.02 -11.98 19.04
CA LYS A 106 37.08 -12.62 19.97
C LYS A 106 36.80 -11.71 21.16
N THR A 107 37.73 -10.82 21.47
CA THR A 107 37.62 -9.96 22.64
C THR A 107 37.44 -8.48 22.29
N ASN A 108 37.63 -8.13 21.03
CA ASN A 108 37.53 -6.74 20.60
C ASN A 108 36.40 -6.47 19.61
N SER A 109 35.57 -7.47 19.33
CA SER A 109 34.41 -7.26 18.46
C SER A 109 33.46 -6.33 19.18
N PHE A 110 32.60 -5.65 18.42
CA PHE A 110 31.64 -4.70 18.98
C PHE A 110 30.81 -5.38 20.06
N GLU A 111 30.30 -6.57 19.75
CA GLU A 111 29.58 -7.41 20.71
C GLU A 111 30.39 -7.64 21.99
N ALA A 112 31.66 -7.99 21.84
CA ALA A 112 32.50 -8.30 22.99
C ALA A 112 32.78 -7.07 23.83
N LEU A 113 33.04 -5.94 23.17
CA LEU A 113 33.31 -4.69 23.87
C LEU A 113 32.08 -4.26 24.67
N ALA A 114 30.90 -4.52 24.10
CA ALA A 114 29.64 -4.24 24.77
C ALA A 114 29.52 -5.11 26.02
N LYS A 115 29.81 -6.40 25.85
CA LYS A 115 29.74 -7.36 26.94
C LYS A 115 30.75 -7.02 28.03
N GLU A 116 31.89 -6.46 27.63
CA GLU A 116 32.94 -6.12 28.58
C GLU A 116 32.67 -4.87 29.41
N ARG A 117 32.16 -3.82 28.77
CA ARG A 117 32.13 -2.50 29.40
C ARG A 117 30.77 -1.79 29.45
N SER A 118 29.84 -2.15 28.55
CA SER A 118 28.56 -1.45 28.48
C SER A 118 27.72 -1.55 29.76
N ASP A 119 27.23 -0.39 30.21
CA ASP A 119 26.37 -0.33 31.39
C ASP A 119 24.91 -0.68 31.12
N CYS A 120 24.57 -0.84 29.83
CA CYS A 120 23.20 -1.20 29.46
C CYS A 120 22.96 -2.68 29.70
N SER A 121 21.71 -3.03 30.02
CA SER A 121 21.33 -4.43 30.23
C SER A 121 21.56 -5.30 29.00
N SER A 122 21.72 -4.65 27.85
CA SER A 122 21.93 -5.34 26.59
C SER A 122 23.37 -5.87 26.46
N TYR A 123 24.18 -5.60 27.48
CA TYR A 123 25.56 -6.09 27.51
C TYR A 123 25.62 -7.60 27.37
N LYS A 124 24.66 -8.30 27.96
CA LYS A 124 24.64 -9.76 27.94
C LYS A 124 24.16 -10.29 26.60
N ARG A 125 23.69 -9.40 25.73
CA ARG A 125 23.22 -9.81 24.41
C ARG A 125 24.12 -9.23 23.32
N GLY A 126 25.32 -8.83 23.71
CA GLY A 126 26.25 -8.21 22.78
C GLY A 126 25.82 -6.82 22.36
N GLY A 127 25.03 -6.17 23.21
CA GLY A 127 24.59 -4.82 22.96
C GLY A 127 23.44 -4.76 21.98
N ASP A 128 22.87 -5.92 21.66
CA ASP A 128 21.80 -6.00 20.68
C ASP A 128 20.49 -5.45 21.26
N LEU A 129 20.04 -4.34 20.69
CA LEU A 129 18.76 -3.74 21.09
C LEU A 129 17.60 -4.29 20.26
N GLY A 130 17.92 -5.10 19.26
CA GLY A 130 16.90 -5.60 18.35
C GLY A 130 16.33 -4.50 17.50
N TRP A 131 15.29 -4.81 16.73
CA TRP A 131 14.66 -3.82 15.86
C TRP A 131 13.94 -2.75 16.67
N PHE A 132 13.91 -1.52 16.16
CA PHE A 132 13.09 -0.47 16.77
C PHE A 132 12.64 0.61 15.79
N GLY A 133 11.58 1.33 16.13
CA GLY A 133 11.06 2.38 15.28
C GLY A 133 11.30 3.75 15.89
N ARG A 134 10.56 4.75 15.42
CA ARG A 134 10.82 6.12 15.81
C ARG A 134 10.17 6.60 17.13
N GLY A 135 9.22 5.82 17.63
CA GLY A 135 8.60 6.14 18.90
C GLY A 135 9.15 5.40 20.10
N GLU A 136 10.42 5.04 20.07
CA GLU A 136 10.95 4.14 21.09
C GLU A 136 12.20 4.60 21.84
N MET A 137 13.21 5.04 21.11
CA MET A 137 14.46 5.41 21.75
C MET A 137 14.51 6.89 22.08
N GLN A 138 15.50 7.28 22.87
CA GLN A 138 15.77 8.68 23.15
C GLN A 138 16.13 9.42 21.87
N PRO A 139 15.61 10.66 21.73
CA PRO A 139 15.72 11.44 20.50
C PRO A 139 17.15 11.56 19.99
N SER A 140 18.08 11.79 20.91
CA SER A 140 19.49 11.91 20.54
C SER A 140 20.04 10.59 19.97
N PHE A 141 19.63 9.48 20.57
CA PHE A 141 20.08 8.17 20.12
C PHE A 141 19.49 7.84 18.76
N GLU A 142 18.17 8.01 18.65
CA GLU A 142 17.43 7.76 17.41
C GLU A 142 17.97 8.53 16.22
N ASP A 143 18.28 9.80 16.43
CA ASP A 143 18.71 10.68 15.35
C ASP A 143 20.08 10.30 14.81
N ALA A 144 20.83 9.54 15.60
CA ALA A 144 22.11 9.01 15.14
C ALA A 144 21.92 7.64 14.50
N ALA A 145 21.05 6.83 15.09
CA ALA A 145 20.81 5.47 14.59
C ALA A 145 20.22 5.48 13.18
N PHE A 146 19.23 6.33 12.95
CA PHE A 146 18.56 6.39 11.65
C PHE A 146 19.36 7.10 10.56
N GLN A 147 20.41 7.82 10.97
CA GLN A 147 21.28 8.48 10.01
C GLN A 147 22.41 7.52 9.57
N LEU A 148 22.52 6.38 10.25
CA LEU A 148 23.59 5.41 9.96
C LEU A 148 23.20 4.46 8.83
N LYS A 149 24.19 4.00 8.08
CA LYS A 149 24.00 2.94 7.10
C LYS A 149 24.19 1.59 7.76
N VAL A 150 23.72 0.52 7.12
CA VAL A 150 23.85 -0.81 7.68
C VAL A 150 25.32 -1.22 7.71
N GLY A 151 25.82 -1.52 8.91
CA GLY A 151 27.20 -1.92 9.10
C GLY A 151 28.09 -0.79 9.57
N GLU A 152 27.50 0.40 9.70
CA GLU A 152 28.27 1.60 10.03
C GLU A 152 28.25 1.86 11.54
N VAL A 153 29.37 2.38 12.06
CA VAL A 153 29.49 2.69 13.47
C VAL A 153 29.44 4.21 13.67
N SER A 154 28.67 4.65 14.67
CA SER A 154 28.53 6.07 14.94
C SER A 154 29.71 6.62 15.72
N ASP A 155 29.77 7.95 15.85
CA ASP A 155 30.67 8.59 16.79
C ASP A 155 29.93 8.71 18.12
N ILE A 156 30.57 9.33 19.12
CA ILE A 156 30.00 9.40 20.46
C ILE A 156 28.66 10.12 20.44
N VAL A 157 27.67 9.51 21.05
CA VAL A 157 26.33 10.09 21.10
C VAL A 157 25.93 10.29 22.55
N GLU A 158 25.59 11.52 22.91
CA GLU A 158 25.20 11.84 24.27
C GLU A 158 23.68 11.79 24.41
N SER A 159 23.22 11.15 25.49
CA SER A 159 21.80 11.07 25.78
C SER A 159 21.60 11.29 27.27
N GLY A 160 20.38 11.06 27.74
CA GLY A 160 20.10 11.21 29.15
C GLY A 160 20.61 10.01 29.95
N SER A 161 20.68 8.86 29.29
CA SER A 161 21.13 7.64 29.94
C SER A 161 22.64 7.64 30.17
N GLY A 162 23.37 8.26 29.26
CA GLY A 162 24.82 8.34 29.33
C GLY A 162 25.42 8.72 28.00
N VAL A 163 26.54 8.07 27.64
CA VAL A 163 27.08 8.19 26.30
C VAL A 163 27.06 6.85 25.57
N HIS A 164 26.87 6.89 24.25
CA HIS A 164 26.76 5.66 23.48
C HIS A 164 27.69 5.68 22.28
N VAL A 165 28.02 4.50 21.79
CA VAL A 165 28.51 4.33 20.43
C VAL A 165 27.59 3.30 19.80
N ILE A 166 27.13 3.55 18.58
CA ILE A 166 26.10 2.71 17.97
C ILE A 166 26.61 2.02 16.72
N LYS A 167 26.22 0.76 16.56
CA LYS A 167 26.45 0.05 15.29
C LYS A 167 25.11 -0.39 14.72
N ARG A 168 24.84 0.00 13.48
CA ARG A 168 23.62 -0.45 12.80
C ARG A 168 23.89 -1.72 12.02
N VAL A 169 23.17 -2.78 12.34
CA VAL A 169 23.37 -4.07 11.69
C VAL A 169 22.16 -4.47 10.85
N GLY A 170 21.15 -3.61 10.83
CA GLY A 170 19.94 -3.87 10.08
C GLY A 170 19.14 -2.61 9.79
N GLU B 40 -23.41 -10.00 5.82
CA GLU B 40 -23.56 -9.32 7.11
C GLU B 40 -22.68 -9.97 8.19
N PRO B 41 -21.35 -10.03 7.96
CA PRO B 41 -20.63 -10.77 9.01
C PRO B 41 -20.54 -9.99 10.31
N GLU B 42 -20.71 -10.68 11.42
CA GLU B 42 -20.61 -10.07 12.75
C GLU B 42 -19.21 -9.62 13.17
N GLY B 43 -18.36 -9.28 12.20
CA GLY B 43 -17.06 -8.74 12.54
C GLY B 43 -17.33 -7.29 12.88
N THR B 44 -16.98 -6.34 12.02
CA THR B 44 -16.19 -6.52 10.81
C THR B 44 -15.79 -5.09 10.54
N ASN B 45 -14.60 -4.84 10.01
CA ASN B 45 -14.36 -3.49 9.54
C ASN B 45 -15.17 -3.07 8.32
N LYS B 46 -16.26 -2.39 8.68
CA LYS B 46 -17.33 -1.93 7.81
C LYS B 46 -16.76 -1.06 6.71
N ASP B 47 -15.97 -0.07 7.12
CA ASP B 47 -15.49 0.88 6.13
C ASP B 47 -14.38 0.36 5.23
N GLN B 48 -13.89 -0.84 5.55
CA GLN B 48 -12.95 -1.58 4.70
C GLN B 48 -13.61 -2.53 3.69
N LEU B 49 -14.78 -3.03 4.04
CA LEU B 49 -15.52 -3.90 3.14
C LEU B 49 -16.14 -3.04 2.05
N HIS B 50 -16.69 -1.91 2.46
CA HIS B 50 -17.31 -0.98 1.51
C HIS B 50 -16.27 -0.56 0.46
N LYS B 51 -15.06 -0.21 0.91
CA LYS B 51 -13.99 0.14 -0.05
C LYS B 51 -13.22 -1.09 -0.61
N HIS B 52 -13.69 -2.30 -0.31
CA HIS B 52 -13.22 -3.48 -1.04
C HIS B 52 -14.18 -3.82 -2.18
N LEU B 53 -15.47 -3.66 -1.90
CA LEU B 53 -16.53 -3.91 -2.88
C LEU B 53 -16.53 -2.79 -3.91
N ARG B 54 -16.04 -1.64 -3.48
CA ARG B 54 -15.88 -0.46 -4.32
C ARG B 54 -14.78 -0.72 -5.35
N ASP B 55 -13.75 -1.45 -4.94
CA ASP B 55 -12.61 -1.64 -5.81
C ASP B 55 -12.70 -2.99 -6.51
N HIS B 56 -13.40 -3.93 -5.89
CA HIS B 56 -13.58 -5.23 -6.50
C HIS B 56 -15.00 -5.75 -6.36
N PRO B 57 -15.96 -5.17 -7.09
CA PRO B 57 -17.35 -5.56 -6.87
C PRO B 57 -17.60 -7.01 -7.28
N VAL B 58 -18.61 -7.66 -6.72
CA VAL B 58 -18.95 -9.01 -7.13
C VAL B 58 -20.19 -9.03 -8.01
N ARG B 59 -20.89 -7.91 -7.98
CA ARG B 59 -22.04 -7.67 -8.84
C ARG B 59 -22.01 -6.24 -9.38
N VAL B 60 -22.49 -6.05 -10.61
CA VAL B 60 -22.67 -4.70 -11.14
C VAL B 60 -24.04 -4.61 -11.80
N ARG B 61 -24.58 -3.41 -11.93
CA ARG B 61 -25.83 -3.31 -12.65
C ARG B 61 -25.55 -2.35 -13.79
N CYS B 62 -25.89 -2.74 -15.01
CA CYS B 62 -25.49 -1.93 -16.16
C CYS B 62 -26.63 -1.66 -17.14
N LEU B 63 -26.48 -0.58 -17.88
CA LEU B 63 -27.28 -0.32 -19.07
C LEU B 63 -26.37 -0.50 -20.27
N HIS B 64 -26.91 -0.97 -21.39
CA HIS B 64 -26.13 -1.03 -22.60
C HIS B 64 -26.93 -0.70 -23.85
N ILE B 65 -26.22 -0.28 -24.90
CA ILE B 65 -26.81 -0.10 -26.21
C ILE B 65 -26.15 -1.11 -27.14
N LEU B 66 -26.96 -2.01 -27.70
CA LEU B 66 -26.47 -3.03 -28.62
C LEU B 66 -26.82 -2.73 -30.06
N ILE B 67 -25.82 -2.66 -30.93
CA ILE B 67 -26.07 -2.65 -32.36
C ILE B 67 -25.55 -3.93 -33.02
N LYS B 68 -26.45 -4.79 -33.49
CA LYS B 68 -26.03 -6.01 -34.15
C LYS B 68 -25.60 -5.75 -35.59
N HIS B 69 -24.87 -6.74 -36.10
CA HIS B 69 -24.37 -6.78 -37.46
C HIS B 69 -24.49 -8.16 -38.13
N LYS B 70 -23.83 -8.32 -39.28
CA LYS B 70 -23.91 -9.54 -40.06
C LYS B 70 -23.30 -10.73 -39.30
N ASP B 71 -22.20 -10.51 -38.61
CA ASP B 71 -21.52 -11.58 -37.86
C ASP B 71 -22.01 -11.66 -36.42
N SER B 72 -23.20 -11.13 -36.16
CA SER B 72 -23.79 -11.24 -34.83
C SER B 72 -24.36 -12.63 -34.69
N ARG B 73 -24.43 -13.11 -33.44
CA ARG B 73 -24.84 -14.49 -33.17
C ARG B 73 -26.28 -14.74 -33.64
N ARG B 74 -27.08 -13.67 -33.70
CA ARG B 74 -28.51 -13.75 -33.98
C ARG B 74 -28.87 -12.53 -34.80
N PRO B 75 -28.33 -12.41 -36.03
CA PRO B 75 -28.38 -11.15 -36.78
C PRO B 75 -29.82 -10.80 -37.20
N ALA B 76 -30.63 -10.58 -36.16
CA ALA B 76 -32.06 -10.32 -36.22
C ALA B 76 -32.54 -9.74 -34.89
N SER B 77 -33.59 -8.93 -34.94
CA SER B 77 -34.16 -8.30 -33.73
C SER B 77 -35.57 -7.79 -33.98
N HIS B 78 -36.05 -6.92 -33.10
CA HIS B 78 -37.36 -6.30 -33.24
C HIS B 78 -37.36 -5.22 -34.33
N ARG B 79 -36.16 -4.92 -34.80
CA ARG B 79 -35.88 -3.91 -35.82
C ARG B 79 -35.75 -4.47 -37.24
N SER B 80 -35.06 -5.60 -37.38
CA SER B 80 -34.93 -6.27 -38.68
C SER B 80 -34.95 -7.79 -38.61
N GLU B 81 -35.55 -8.47 -39.60
CA GLU B 81 -35.46 -9.92 -39.59
C GLU B 81 -34.25 -10.45 -40.32
N ASN B 82 -33.35 -9.57 -40.74
CA ASN B 82 -32.12 -10.05 -41.31
C ASN B 82 -31.17 -8.88 -41.31
N ILE B 83 -30.13 -8.92 -40.47
CA ILE B 83 -29.29 -7.74 -40.31
C ILE B 83 -28.04 -7.92 -41.14
N THR B 84 -27.81 -6.93 -41.98
CA THR B 84 -26.92 -7.08 -43.11
C THR B 84 -25.72 -6.14 -43.07
N ILE B 85 -25.73 -5.18 -42.14
CA ILE B 85 -24.64 -4.22 -42.12
C ILE B 85 -23.41 -4.88 -41.55
N SER B 86 -22.24 -4.32 -41.83
CA SER B 86 -21.01 -4.93 -41.35
C SER B 86 -20.80 -4.59 -39.89
N LYS B 87 -19.69 -5.08 -39.34
CA LYS B 87 -19.33 -4.82 -37.96
C LYS B 87 -18.73 -3.40 -37.85
N GLN B 88 -18.03 -2.97 -38.90
CA GLN B 88 -17.46 -1.63 -38.92
C GLN B 88 -18.50 -0.54 -39.16
N ASP B 89 -19.54 -0.90 -39.88
CA ASP B 89 -20.66 -0.01 -40.10
C ASP B 89 -21.42 0.18 -38.79
N ALA B 90 -21.66 -0.93 -38.09
CA ALA B 90 -22.33 -0.92 -36.79
C ALA B 90 -21.54 -0.11 -35.78
N THR B 91 -20.22 -0.25 -35.84
CA THR B 91 -19.30 0.44 -34.94
C THR B 91 -19.40 1.92 -35.25
N ASP B 92 -19.30 2.22 -36.54
CA ASP B 92 -19.33 3.59 -37.01
C ASP B 92 -20.63 4.34 -36.71
N GLU B 93 -21.72 3.59 -36.65
CA GLU B 93 -23.04 4.12 -36.27
C GLU B 93 -23.15 4.39 -34.78
N LEU B 94 -22.64 3.45 -33.98
CA LEU B 94 -22.67 3.57 -32.54
C LEU B 94 -21.85 4.73 -31.98
N LYS B 95 -20.69 5.01 -32.55
CA LYS B 95 -19.94 6.20 -32.14
C LYS B 95 -20.76 7.44 -32.48
N THR B 96 -21.38 7.49 -33.65
CA THR B 96 -22.20 8.66 -33.98
C THR B 96 -23.38 8.79 -32.99
N LEU B 97 -23.97 7.65 -32.62
CA LEU B 97 -25.08 7.64 -31.66
C LEU B 97 -24.70 8.16 -30.28
N ILE B 98 -23.58 7.65 -29.76
CA ILE B 98 -23.13 7.95 -28.41
C ILE B 98 -22.66 9.39 -28.23
N THR B 99 -22.28 10.04 -29.33
CA THR B 99 -21.78 11.42 -29.26
C THR B 99 -22.91 12.38 -28.89
N ARG B 100 -24.14 11.92 -29.03
CA ARG B 100 -25.32 12.71 -28.71
C ARG B 100 -25.62 12.68 -27.21
N LEU B 101 -25.02 11.71 -26.51
CA LEU B 101 -25.32 11.43 -25.10
C LEU B 101 -25.46 12.66 -24.20
N ASP B 102 -26.58 12.72 -23.48
CA ASP B 102 -26.93 13.86 -22.65
C ASP B 102 -27.95 13.40 -21.63
N ASP B 103 -27.52 13.28 -20.38
CA ASP B 103 -28.37 12.75 -19.31
C ASP B 103 -29.61 13.60 -19.06
N ASP B 104 -29.54 14.88 -19.40
CA ASP B 104 -30.65 15.80 -19.20
C ASP B 104 -31.62 15.89 -20.38
N SER B 105 -31.23 15.34 -21.53
CA SER B 105 -32.07 15.35 -22.72
C SER B 105 -33.15 14.28 -22.74
N LYS B 106 -34.31 14.64 -23.29
CA LYS B 106 -35.43 13.71 -23.43
C LYS B 106 -35.19 12.70 -24.54
N THR B 107 -34.40 13.11 -25.53
CA THR B 107 -34.18 12.28 -26.71
C THR B 107 -32.73 11.80 -26.82
N ASN B 108 -31.85 12.35 -25.99
CA ASN B 108 -30.44 11.98 -26.08
C ASN B 108 -29.83 11.33 -24.83
N SER B 109 -30.67 11.05 -23.84
CA SER B 109 -30.22 10.33 -22.64
C SER B 109 -29.87 8.90 -23.04
N PHE B 110 -29.04 8.25 -22.23
CA PHE B 110 -28.62 6.88 -22.51
C PHE B 110 -29.84 5.97 -22.69
N GLU B 111 -30.80 6.09 -21.78
CA GLU B 111 -32.06 5.38 -21.87
C GLU B 111 -32.77 5.61 -23.20
N ALA B 112 -32.85 6.88 -23.61
CA ALA B 112 -33.55 7.24 -24.84
C ALA B 112 -32.85 6.70 -26.08
N LEU B 113 -31.52 6.79 -26.11
CA LEU B 113 -30.74 6.30 -27.23
C LEU B 113 -30.88 4.79 -27.39
N ALA B 114 -30.99 4.08 -26.26
CA ALA B 114 -31.20 2.63 -26.28
C ALA B 114 -32.54 2.26 -26.92
N LYS B 115 -33.61 2.94 -26.51
CA LYS B 115 -34.93 2.67 -27.04
C LYS B 115 -35.01 2.98 -28.52
N GLU B 116 -34.23 3.97 -28.95
CA GLU B 116 -34.22 4.42 -30.33
C GLU B 116 -33.48 3.46 -31.27
N ARG B 117 -32.33 2.93 -30.84
CA ARG B 117 -31.44 2.23 -31.79
C ARG B 117 -30.99 0.81 -31.39
N SER B 118 -31.01 0.50 -30.09
CA SER B 118 -30.50 -0.78 -29.61
C SER B 118 -31.25 -2.01 -30.14
N ASP B 119 -30.47 -3.00 -30.60
CA ASP B 119 -31.03 -4.25 -31.10
C ASP B 119 -31.38 -5.26 -29.99
N CYS B 120 -31.00 -4.93 -28.76
CA CYS B 120 -31.28 -5.80 -27.62
C CYS B 120 -32.72 -5.65 -27.14
N SER B 121 -33.28 -6.75 -26.60
CA SER B 121 -34.64 -6.74 -26.07
C SER B 121 -34.81 -5.75 -24.91
N SER B 122 -33.69 -5.31 -24.34
CA SER B 122 -33.70 -4.36 -23.23
C SER B 122 -33.97 -2.92 -23.67
N TYR B 123 -34.12 -2.71 -24.98
CA TYR B 123 -34.41 -1.39 -25.53
C TYR B 123 -35.66 -0.75 -24.93
N LYS B 124 -36.64 -1.61 -24.66
CA LYS B 124 -37.93 -1.21 -24.13
C LYS B 124 -37.87 -0.92 -22.63
N ARG B 125 -36.72 -1.22 -22.04
CA ARG B 125 -36.47 -1.00 -20.62
C ARG B 125 -35.35 0.01 -20.41
N GLY B 126 -35.05 0.79 -21.43
CA GLY B 126 -33.97 1.77 -21.36
C GLY B 126 -32.60 1.13 -21.38
N GLY B 127 -32.51 -0.09 -21.90
CA GLY B 127 -31.23 -0.77 -22.00
C GLY B 127 -30.76 -1.43 -20.71
N ASP B 128 -31.66 -1.52 -19.73
CA ASP B 128 -31.33 -2.08 -18.43
C ASP B 128 -31.16 -3.60 -18.44
N LEU B 129 -29.95 -4.05 -18.17
CA LEU B 129 -29.70 -5.48 -18.10
C LEU B 129 -29.92 -5.99 -16.67
N GLY B 130 -30.13 -5.07 -15.73
CA GLY B 130 -30.27 -5.43 -14.32
C GLY B 130 -28.98 -5.94 -13.70
N TRP B 131 -29.06 -6.42 -12.46
CA TRP B 131 -27.88 -6.92 -11.79
C TRP B 131 -27.38 -8.22 -12.41
N PHE B 132 -26.06 -8.40 -12.38
CA PHE B 132 -25.42 -9.64 -12.79
C PHE B 132 -24.06 -9.77 -12.11
N GLY B 133 -23.58 -11.00 -12.00
CA GLY B 133 -22.33 -11.31 -11.32
C GLY B 133 -21.22 -11.67 -12.26
N ARG B 134 -20.20 -12.35 -11.75
CA ARG B 134 -18.97 -12.61 -12.49
C ARG B 134 -19.10 -13.77 -13.45
N GLY B 135 -20.20 -14.52 -13.38
CA GLY B 135 -20.48 -15.60 -14.34
C GLY B 135 -20.15 -15.11 -15.73
N GLU B 136 -21.00 -14.30 -16.33
CA GLU B 136 -22.45 -14.48 -16.43
C GLU B 136 -22.72 -14.16 -17.91
N MET B 137 -22.05 -13.10 -18.36
CA MET B 137 -22.08 -12.50 -19.71
C MET B 137 -20.86 -12.99 -20.52
N GLN B 138 -20.82 -12.68 -21.81
CA GLN B 138 -19.65 -12.96 -22.63
C GLN B 138 -18.46 -12.15 -22.06
N PRO B 139 -17.25 -12.74 -22.06
CA PRO B 139 -16.06 -12.22 -21.38
C PRO B 139 -15.62 -10.77 -21.63
N SER B 140 -15.58 -10.32 -22.88
CA SER B 140 -15.18 -8.94 -23.20
C SER B 140 -16.16 -7.95 -22.59
N PHE B 141 -17.43 -8.32 -22.59
CA PHE B 141 -18.49 -7.47 -22.04
C PHE B 141 -18.34 -7.37 -20.54
N GLU B 142 -18.21 -8.52 -19.89
CA GLU B 142 -18.01 -8.59 -18.45
C GLU B 142 -16.81 -7.74 -18.07
N ASP B 143 -15.76 -7.89 -18.88
CA ASP B 143 -14.48 -7.24 -18.61
C ASP B 143 -14.47 -5.72 -18.66
N ALA B 144 -15.39 -5.18 -19.45
CA ALA B 144 -15.59 -3.74 -19.56
C ALA B 144 -16.54 -3.26 -18.49
N ALA B 145 -17.56 -4.06 -18.23
CA ALA B 145 -18.58 -3.72 -17.25
C ALA B 145 -17.97 -3.61 -15.86
N PHE B 146 -17.12 -4.57 -15.52
CA PHE B 146 -16.50 -4.61 -14.20
C PHE B 146 -15.34 -3.62 -14.07
N GLN B 147 -14.89 -3.06 -15.19
CA GLN B 147 -13.85 -2.03 -15.18
C GLN B 147 -14.44 -0.64 -14.97
N LEU B 148 -15.75 -0.55 -15.10
CA LEU B 148 -16.38 0.75 -14.99
C LEU B 148 -16.66 1.12 -13.55
N LYS B 149 -16.61 2.43 -13.29
CA LYS B 149 -17.05 2.96 -12.01
C LYS B 149 -18.54 3.28 -12.16
N VAL B 150 -19.22 3.46 -11.04
CA VAL B 150 -20.65 3.76 -11.07
C VAL B 150 -20.92 5.12 -11.71
N GLY B 151 -21.73 5.13 -12.77
CA GLY B 151 -22.04 6.38 -13.44
C GLY B 151 -21.19 6.57 -14.67
N GLU B 152 -20.29 5.63 -14.92
CA GLU B 152 -19.34 5.75 -16.01
C GLU B 152 -19.82 5.10 -17.29
N VAL B 153 -19.52 5.75 -18.42
CA VAL B 153 -19.89 5.21 -19.71
C VAL B 153 -18.61 4.67 -20.33
N SER B 154 -18.71 3.47 -20.91
CA SER B 154 -17.57 2.77 -21.51
C SER B 154 -17.27 3.25 -22.92
N ASP B 155 -16.16 2.77 -23.48
CA ASP B 155 -15.91 2.93 -24.90
C ASP B 155 -16.57 1.80 -25.65
N ILE B 156 -16.39 1.76 -26.96
CA ILE B 156 -17.04 0.77 -27.81
C ILE B 156 -16.59 -0.63 -27.37
N VAL B 157 -17.53 -1.55 -27.16
CA VAL B 157 -17.20 -2.90 -26.71
C VAL B 157 -17.71 -4.01 -27.63
N GLU B 158 -16.82 -4.89 -28.10
CA GLU B 158 -17.22 -5.98 -28.99
C GLU B 158 -17.55 -7.24 -28.21
N SER B 159 -18.65 -7.89 -28.59
CA SER B 159 -19.05 -9.15 -27.99
C SER B 159 -19.59 -10.07 -29.08
N GLY B 160 -20.17 -11.20 -28.68
CA GLY B 160 -20.75 -12.12 -29.64
C GLY B 160 -22.06 -11.58 -30.16
N SER B 161 -22.72 -10.76 -29.35
CA SER B 161 -24.00 -10.18 -29.71
C SER B 161 -23.91 -9.09 -30.76
N GLY B 162 -22.81 -8.34 -30.72
CA GLY B 162 -22.62 -7.26 -31.64
C GLY B 162 -21.59 -6.31 -31.07
N VAL B 163 -21.88 -5.03 -31.18
CA VAL B 163 -21.09 -4.02 -30.52
C VAL B 163 -21.93 -3.28 -29.47
N HIS B 164 -21.27 -2.89 -28.39
CA HIS B 164 -21.94 -2.24 -27.26
C HIS B 164 -21.29 -0.95 -26.81
N VAL B 165 -22.11 -0.15 -26.14
CA VAL B 165 -21.61 0.89 -25.25
C VAL B 165 -22.29 0.63 -23.91
N ILE B 166 -21.52 0.65 -22.82
CA ILE B 166 -22.05 0.24 -21.52
C ILE B 166 -22.01 1.42 -20.55
N LYS B 167 -23.08 1.54 -19.76
CA LYS B 167 -23.09 2.48 -18.65
C LYS B 167 -23.35 1.71 -17.34
N ARG B 168 -22.46 1.87 -16.37
CA ARG B 168 -22.66 1.25 -15.06
C ARG B 168 -23.42 2.17 -14.12
N VAL B 169 -24.55 1.70 -13.62
CA VAL B 169 -25.40 2.50 -12.75
C VAL B 169 -25.47 1.94 -11.33
N GLY B 170 -24.79 0.82 -11.09
CA GLY B 170 -24.79 0.21 -9.76
C GLY B 170 -23.66 -0.77 -9.53
#